data_6K0O
#
_entry.id   6K0O
#
_cell.length_a   29.497
_cell.length_b   73.043
_cell.length_c   82.740
_cell.angle_alpha   90.00
_cell.angle_beta   89.96
_cell.angle_gamma   90.00
#
_symmetry.space_group_name_H-M   'C 1 2 1'
#
loop_
_entity.id
_entity.type
_entity.pdbx_description
1 polymer 'Scavenger receptor cysteine-rich type 1 protein M160'
2 water water
#
_entity_poly.entity_id   1
_entity_poly.type   'polypeptide(L)'
_entity_poly.pdbx_seq_one_letter_code
;RSPRLVGADMPCSGRVEVKHADTWRSVCDSDFSLHAANVLCRELNCGDAISLSVGDHFGKGNGLTWAEKFQCEGSETHLA
LCPIVQHPEDTCIHSREVGVVCST
;
_entity_poly.pdbx_strand_id   A,B
#
# COMPACT_ATOMS: atom_id res chain seq x y z
N ARG A 1 6.59 -8.32 17.04
CA ARG A 1 6.19 -7.55 15.86
C ARG A 1 6.49 -6.08 16.14
N SER A 2 7.63 -5.81 16.79
CA SER A 2 8.05 -4.44 17.15
C SER A 2 8.49 -3.72 15.88
N PRO A 3 7.95 -2.54 15.48
CA PRO A 3 8.41 -1.86 14.28
C PRO A 3 9.45 -0.77 14.53
N ARG A 4 10.32 -0.57 13.55
CA ARG A 4 11.20 0.60 13.57
C ARG A 4 11.40 1.13 12.17
N LEU A 5 11.79 2.40 12.09
CA LEU A 5 12.14 3.04 10.80
C LEU A 5 13.61 3.23 10.79
N VAL A 6 14.28 2.78 9.74
CA VAL A 6 15.73 2.95 9.73
C VAL A 6 16.25 3.58 8.47
N GLY A 7 17.25 4.41 8.65
CA GLY A 7 17.88 5.01 7.51
C GLY A 7 17.47 6.41 7.13
N ALA A 8 16.47 6.96 7.81
CA ALA A 8 16.14 8.33 7.45
C ALA A 8 16.95 9.36 8.19
N ASP A 9 16.92 10.56 7.64
CA ASP A 9 17.51 11.70 8.29
C ASP A 9 16.78 12.15 9.56
N MET A 10 15.57 11.66 9.76
CA MET A 10 14.80 11.96 10.96
C MET A 10 14.14 10.68 11.44
N PRO A 11 13.83 10.58 12.75
CA PRO A 11 13.28 9.33 13.27
C PRO A 11 11.96 8.88 12.64
N CYS A 12 11.15 9.82 12.14
CA CYS A 12 9.83 9.51 11.60
C CYS A 12 9.78 9.31 10.07
N SER A 13 10.92 9.03 9.48
CA SER A 13 10.89 8.51 8.13
C SER A 13 11.95 7.44 8.03
N GLY A 14 11.81 6.54 7.06
CA GLY A 14 12.84 5.53 6.82
C GLY A 14 12.34 4.20 6.33
N ARG A 15 13.27 3.26 6.15
CA ARG A 15 12.93 1.91 5.74
C ARG A 15 12.28 1.20 6.93
N VAL A 16 11.20 0.49 6.64
CA VAL A 16 10.41 -0.21 7.65
C VAL A 16 11.09 -1.52 8.04
N GLU A 17 11.29 -1.74 9.33
CA GLU A 17 11.78 -3.04 9.78
C GLU A 17 10.92 -3.45 10.97
N VAL A 18 10.55 -4.72 11.05
CA VAL A 18 9.65 -5.18 12.10
C VAL A 18 10.24 -6.45 12.68
N LYS A 19 10.32 -6.49 14.00
CA LYS A 19 10.99 -7.57 14.65
C LYS A 19 10.04 -8.74 14.81
N HIS A 20 10.56 -9.94 14.60
CA HIS A 20 9.85 -11.16 14.96
C HIS A 20 10.80 -12.02 15.74
N ALA A 21 10.46 -12.31 16.98
CA ALA A 21 11.36 -13.04 17.85
C ALA A 21 12.65 -12.24 17.96
N ASP A 22 13.80 -12.85 17.70
CA ASP A 22 15.06 -12.15 17.91
C ASP A 22 15.67 -11.69 16.60
N THR A 23 14.95 -11.79 15.49
CA THR A 23 15.41 -11.15 14.25
C THR A 23 14.46 -10.04 13.75
N TRP A 24 15.02 -9.14 12.94
CA TRP A 24 14.28 -8.07 12.31
C TRP A 24 14.02 -8.50 10.89
N ARG A 25 12.90 -8.06 10.35
CA ARG A 25 12.64 -8.25 8.95
C ARG A 25 12.19 -6.97 8.29
N SER A 26 12.64 -6.75 7.05
CA SER A 26 12.06 -5.74 6.19
C SER A 26 10.75 -6.21 5.54
N VAL A 27 10.14 -5.32 4.78
CA VAL A 27 8.83 -5.55 4.20
C VAL A 27 8.90 -5.15 2.73
N CYS A 28 8.51 -6.08 1.87
CA CYS A 28 8.50 -5.84 0.43
C CYS A 28 7.43 -4.79 0.15
N ASP A 29 7.71 -3.90 -0.81
CA ASP A 29 6.78 -2.82 -1.16
C ASP A 29 5.54 -3.27 -1.93
N SER A 30 5.52 -4.54 -2.33
CA SER A 30 4.31 -5.19 -2.85
C SER A 30 3.31 -5.56 -1.77
N ASP A 31 3.72 -5.43 -0.50
CA ASP A 31 3.03 -6.09 0.60
C ASP A 31 2.48 -5.20 1.69
N PHE A 32 2.52 -3.88 1.48
CA PHE A 32 2.35 -2.91 2.56
C PHE A 32 1.38 -1.81 2.14
N SER A 33 0.23 -1.79 2.79
CA SER A 33 -0.83 -0.85 2.45
C SER A 33 -0.67 0.47 3.20
N LEU A 34 -1.41 1.49 2.76
CA LEU A 34 -1.38 2.76 3.46
C LEU A 34 -1.93 2.59 4.90
N HIS A 35 -2.77 1.59 5.14
CA HIS A 35 -3.26 1.40 6.51
C HIS A 35 -2.26 0.75 7.46
N ALA A 36 -1.44 -0.15 6.96
CA ALA A 36 -0.31 -0.66 7.74
C ALA A 36 0.66 0.48 8.04
N ALA A 37 0.97 1.27 7.01
CA ALA A 37 1.75 2.49 7.18
C ALA A 37 1.20 3.39 8.29
N ASN A 38 -0.10 3.63 8.24
CA ASN A 38 -0.84 4.44 9.19
C ASN A 38 -0.61 3.95 10.62
N VAL A 39 -0.80 2.66 10.80
CA VAL A 39 -0.68 2.02 12.09
C VAL A 39 0.75 2.14 12.58
N LEU A 40 1.69 1.87 11.67
CA LEU A 40 3.09 2.00 11.98
C LEU A 40 3.43 3.41 12.49
N CYS A 41 3.00 4.45 11.77
CA CYS A 41 3.36 5.81 12.14
C CYS A 41 2.83 6.13 13.53
N ARG A 42 1.64 5.58 13.82
CA ARG A 42 0.92 5.82 15.07
C ARG A 42 1.69 5.16 16.20
N GLU A 43 1.91 3.85 16.06
CA GLU A 43 2.68 3.05 17.02
C GLU A 43 4.01 3.71 17.39
N LEU A 44 4.65 4.34 16.40
CA LEU A 44 5.96 4.99 16.62
C LEU A 44 5.92 6.46 17.12
N ASN A 45 4.73 6.98 17.44
CA ASN A 45 4.63 8.32 18.00
C ASN A 45 5.03 9.31 16.91
N CYS A 46 4.71 9.01 15.65
CA CYS A 46 5.21 9.79 14.52
C CYS A 46 4.09 10.50 13.73
N GLY A 47 2.88 10.54 14.30
CA GLY A 47 1.75 11.20 13.67
C GLY A 47 1.08 10.24 12.71
N ASP A 48 0.57 10.75 11.60
CA ASP A 48 -0.07 9.92 10.59
C ASP A 48 0.81 9.80 9.36
N ALA A 49 0.56 8.79 8.53
CA ALA A 49 1.44 8.50 7.40
C ALA A 49 1.26 9.57 6.37
N ILE A 50 2.35 9.90 5.71
CA ILE A 50 2.24 10.80 4.59
C ILE A 50 2.46 10.04 3.32
N SER A 51 3.56 9.31 3.21
CA SER A 51 3.85 8.54 1.99
C SER A 51 4.46 7.22 2.36
N LEU A 52 4.17 6.24 1.51
CA LEU A 52 4.95 5.03 1.41
C LEU A 52 5.89 5.25 0.25
N SER A 53 7.16 4.90 0.44
CA SER A 53 8.18 5.09 -0.57
C SER A 53 8.73 3.72 -1.05
N VAL A 54 8.73 3.51 -2.38
CA VAL A 54 9.23 2.27 -3.03
C VAL A 54 10.73 2.22 -3.21
N GLY A 55 11.20 1.03 -3.56
CA GLY A 55 12.48 0.86 -4.23
C GLY A 55 13.61 1.22 -3.34
N ASP A 56 13.53 0.74 -2.09
CA ASP A 56 14.58 0.95 -1.09
C ASP A 56 15.07 2.36 -1.07
N HIS A 57 14.11 3.26 -1.08
CA HIS A 57 14.35 4.67 -1.04
C HIS A 57 15.34 5.09 0.07
N PHE A 58 15.34 4.39 1.20
CA PHE A 58 16.21 4.77 2.35
C PHE A 58 17.38 3.82 2.44
N GLY A 59 17.72 3.23 1.30
CA GLY A 59 18.57 2.09 1.27
C GLY A 59 17.79 0.80 1.55
N LYS A 60 18.43 -0.30 1.20
CA LYS A 60 17.91 -1.64 1.39
C LYS A 60 18.43 -2.21 2.69
N GLY A 61 17.62 -3.07 3.27
CA GLY A 61 17.99 -3.77 4.49
C GLY A 61 18.72 -5.00 4.07
N ASN A 62 19.01 -5.84 5.06
CA ASN A 62 19.57 -7.14 4.79
C ASN A 62 18.86 -8.07 5.75
N GLY A 63 19.13 -9.36 5.62
CA GLY A 63 18.46 -10.38 6.40
C GLY A 63 17.08 -10.75 5.86
N LEU A 64 16.20 -11.08 6.79
CA LEU A 64 14.95 -11.67 6.43
C LEU A 64 14.01 -10.57 5.87
N THR A 65 13.12 -10.95 4.97
CA THR A 65 12.03 -10.11 4.49
C THR A 65 10.68 -10.81 4.86
N TRP A 66 9.76 -10.10 5.51
CA TRP A 66 8.48 -10.69 5.99
C TRP A 66 7.74 -11.51 4.91
N ALA A 67 7.31 -12.71 5.27
CA ALA A 67 6.70 -13.66 4.34
C ALA A 67 5.18 -13.59 4.48
N GLU A 68 4.69 -12.93 5.52
CA GLU A 68 3.30 -12.61 5.69
C GLU A 68 3.12 -11.10 5.67
N LYS A 69 1.93 -10.64 5.27
CA LYS A 69 1.68 -9.20 5.23
C LYS A 69 0.74 -8.75 6.33
N PHE A 70 0.94 -7.54 6.81
CA PHE A 70 0.05 -6.93 7.80
C PHE A 70 -1.16 -6.27 7.13
N GLN A 71 -2.29 -6.97 7.14
CA GLN A 71 -3.51 -6.43 6.53
C GLN A 71 -4.32 -5.63 7.54
N CYS A 72 -3.72 -4.51 7.96
CA CYS A 72 -4.31 -3.62 8.94
C CYS A 72 -5.57 -2.97 8.36
N GLU A 73 -6.56 -2.79 9.23
CA GLU A 73 -7.79 -2.02 8.94
C GLU A 73 -7.52 -0.52 8.90
N GLY A 74 -6.62 -0.05 9.76
CA GLY A 74 -6.25 1.37 9.80
C GLY A 74 -6.19 1.98 11.19
N SER A 75 -6.98 1.47 12.13
CA SER A 75 -7.14 2.08 13.46
C SER A 75 -6.49 1.30 14.58
N GLU A 76 -5.86 0.18 14.25
CA GLU A 76 -5.07 -0.57 15.22
C GLU A 76 -4.03 0.34 15.83
N THR A 77 -3.82 0.21 17.12
CA THR A 77 -2.75 0.91 17.81
C THR A 77 -1.33 0.36 17.58
N HIS A 78 -1.22 -0.91 17.19
CA HIS A 78 0.04 -1.59 16.94
C HIS A 78 -0.11 -2.58 15.78
N LEU A 79 0.97 -2.80 15.04
CA LEU A 79 1.00 -3.80 13.97
C LEU A 79 0.69 -5.22 14.47
N ALA A 80 1.11 -5.48 15.72
CA ALA A 80 0.75 -6.64 16.54
C ALA A 80 -0.72 -6.99 16.48
N LEU A 81 -1.58 -5.97 16.40
CA LEU A 81 -3.03 -6.22 16.41
C LEU A 81 -3.64 -6.41 15.02
N CYS A 82 -2.85 -6.20 13.99
CA CYS A 82 -3.34 -6.34 12.62
C CYS A 82 -3.35 -7.81 12.24
N PRO A 83 -4.42 -8.26 11.56
CA PRO A 83 -4.42 -9.61 11.05
C PRO A 83 -3.36 -9.76 10.00
N ILE A 84 -2.78 -10.95 9.87
CA ILE A 84 -1.77 -11.18 8.83
C ILE A 84 -2.23 -12.17 7.77
N VAL A 85 -1.45 -12.24 6.69
CA VAL A 85 -1.77 -13.05 5.54
C VAL A 85 -0.55 -13.30 4.73
N GLN A 86 -0.53 -14.40 4.00
CA GLN A 86 0.61 -14.71 3.14
C GLN A 86 0.90 -13.67 2.03
N HIS A 87 2.17 -13.31 1.94
CA HIS A 87 2.82 -12.60 0.82
C HIS A 87 2.29 -13.25 -0.49
N PRO A 88 2.29 -12.53 -1.63
CA PRO A 88 2.00 -13.25 -2.89
C PRO A 88 3.10 -14.19 -3.30
N GLU A 89 2.77 -15.06 -4.24
CA GLU A 89 3.70 -16.09 -4.70
C GLU A 89 5.01 -15.45 -5.23
N ASP A 90 6.09 -16.22 -5.12
CA ASP A 90 7.48 -15.84 -5.41
C ASP A 90 8.06 -15.24 -4.14
N THR A 91 9.22 -14.61 -4.28
CA THR A 91 9.80 -13.88 -3.19
C THR A 91 10.23 -12.50 -3.68
N CYS A 92 10.43 -11.60 -2.74
CA CYS A 92 10.90 -10.26 -3.02
C CYS A 92 12.36 -10.19 -2.70
N ILE A 93 13.04 -9.25 -3.30
CA ILE A 93 14.41 -9.00 -2.92
C ILE A 93 14.46 -7.67 -2.18
N HIS A 94 15.59 -7.43 -1.55
CA HIS A 94 15.70 -6.29 -0.68
C HIS A 94 15.60 -5.01 -1.42
N SER A 95 15.86 -5.05 -2.73
CA SER A 95 15.74 -3.91 -3.59
C SER A 95 14.33 -3.31 -3.63
N ARG A 96 13.32 -4.05 -3.16
CA ARG A 96 11.96 -3.54 -3.12
C ARG A 96 11.48 -3.35 -1.66
N GLU A 97 12.40 -3.30 -0.71
CA GLU A 97 11.98 -2.92 0.64
C GLU A 97 11.31 -1.55 0.74
N VAL A 98 10.27 -1.51 1.56
CA VAL A 98 9.38 -0.38 1.65
C VAL A 98 9.86 0.56 2.76
N GLY A 99 9.55 1.84 2.59
CA GLY A 99 9.80 2.83 3.60
C GLY A 99 8.63 3.77 3.64
N VAL A 100 8.59 4.58 4.69
CA VAL A 100 7.51 5.54 4.89
C VAL A 100 8.03 6.87 5.34
N VAL A 101 7.18 7.87 5.15
CA VAL A 101 7.37 9.21 5.70
C VAL A 101 6.09 9.48 6.48
N CYS A 102 6.27 9.65 7.79
CA CYS A 102 5.21 10.07 8.67
C CYS A 102 5.32 11.60 8.88
N SER A 103 4.17 12.25 9.06
CA SER A 103 4.11 13.70 9.16
C SER A 103 4.78 14.07 10.46
N THR A 104 4.93 15.34 10.72
CA THR A 104 5.32 15.73 12.10
C THR A 104 6.81 15.55 12.25
N ARG B 1 -10.31 -5.87 -16.14
CA ARG B 1 -9.69 -5.22 -14.97
C ARG B 1 -9.21 -3.82 -15.38
N SER B 2 -10.10 -3.06 -16.03
CA SER B 2 -9.87 -1.70 -16.58
C SER B 2 -9.78 -0.67 -15.45
N PRO B 3 -8.64 0.04 -15.19
CA PRO B 3 -8.55 1.01 -14.10
C PRO B 3 -8.96 2.42 -14.53
N ARG B 4 -9.22 3.28 -13.55
CA ARG B 4 -9.68 4.65 -13.87
C ARG B 4 -9.50 5.48 -12.60
N LEU B 5 -9.11 6.73 -12.73
CA LEU B 5 -9.03 7.63 -11.59
C LEU B 5 -10.16 8.60 -11.70
N VAL B 6 -10.90 8.79 -10.61
CA VAL B 6 -12.01 9.71 -10.69
C VAL B 6 -12.06 10.67 -9.53
N GLY B 7 -12.54 11.88 -9.84
CA GLY B 7 -12.70 12.93 -8.85
C GLY B 7 -11.53 13.85 -8.63
N ALA B 8 -10.44 13.66 -9.36
CA ALA B 8 -9.34 14.59 -9.18
C ALA B 8 -9.48 15.78 -10.09
N ASP B 9 -8.73 16.82 -9.73
CA ASP B 9 -8.66 18.01 -10.52
C ASP B 9 -7.86 17.85 -11.81
N MET B 10 -7.22 16.70 -11.97
CA MET B 10 -6.46 16.41 -13.17
C MET B 10 -6.61 14.92 -13.40
N PRO B 11 -6.44 14.45 -14.66
CA PRO B 11 -6.66 13.03 -14.94
C PRO B 11 -5.75 12.06 -14.20
N CYS B 12 -4.55 12.49 -13.82
CA CYS B 12 -3.55 11.60 -13.18
C CYS B 12 -3.52 11.62 -11.65
N SER B 13 -4.59 12.09 -11.05
CA SER B 13 -4.80 11.75 -9.66
C SER B 13 -6.27 11.51 -9.46
N GLY B 14 -6.64 10.83 -8.37
CA GLY B 14 -8.04 10.59 -8.08
C GLY B 14 -8.30 9.28 -7.38
N ARG B 15 -9.58 9.04 -7.09
CA ARG B 15 -10.01 7.80 -6.47
C ARG B 15 -9.91 6.69 -7.51
N VAL B 16 -9.43 5.55 -7.04
CA VAL B 16 -9.19 4.37 -7.91
C VAL B 16 -10.49 3.60 -8.15
N GLU B 17 -10.81 3.34 -9.41
CA GLU B 17 -11.96 2.53 -9.76
C GLU B 17 -11.53 1.57 -10.87
N VAL B 18 -11.86 0.29 -10.73
CA VAL B 18 -11.39 -0.76 -11.64
C VAL B 18 -12.62 -1.55 -12.06
N LYS B 19 -12.74 -1.77 -13.35
CA LYS B 19 -13.93 -2.38 -13.90
C LYS B 19 -13.76 -3.89 -13.83
N HIS B 20 -14.86 -4.58 -13.52
CA HIS B 20 -14.93 -6.04 -13.60
C HIS B 20 -16.22 -6.31 -14.32
N ALA B 21 -16.16 -7.00 -15.45
CA ALA B 21 -17.36 -7.23 -16.24
C ALA B 21 -18.00 -5.87 -16.57
N ASP B 22 -19.27 -5.67 -16.23
CA ASP B 22 -19.97 -4.44 -16.63
C ASP B 22 -20.21 -3.51 -15.45
N THR B 23 -19.57 -3.77 -14.32
CA THR B 23 -19.61 -2.84 -13.18
C THR B 23 -18.19 -2.35 -12.80
N TRP B 24 -18.14 -1.26 -12.05
CA TRP B 24 -16.91 -0.67 -11.58
C TRP B 24 -16.82 -0.95 -10.10
N ARG B 25 -15.62 -1.26 -9.63
CA ARG B 25 -15.43 -1.30 -8.19
C ARG B 25 -14.38 -0.31 -7.72
N SER B 26 -14.62 0.27 -6.56
CA SER B 26 -13.58 0.92 -5.79
C SER B 26 -12.66 -0.07 -5.02
N VAL B 27 -11.68 0.48 -4.33
CA VAL B 27 -10.65 -0.33 -3.72
C VAL B 27 -10.38 0.18 -2.33
N CYS B 28 -10.50 -0.69 -1.34
CA CYS B 28 -10.33 -0.29 0.03
C CYS B 28 -8.86 0.03 0.28
N ASP B 29 -8.59 1.08 1.06
CA ASP B 29 -7.21 1.52 1.30
C ASP B 29 -6.40 0.57 2.18
N SER B 30 -7.03 -0.45 2.73
CA SER B 30 -6.32 -1.56 3.39
C SER B 30 -5.74 -2.58 2.39
N ASP B 31 -6.02 -2.39 1.12
CA ASP B 31 -5.87 -3.47 0.14
C ASP B 31 -4.96 -3.19 -1.03
N PHE B 32 -4.36 -2.00 -1.08
CA PHE B 32 -3.74 -1.45 -2.28
C PHE B 32 -2.31 -1.05 -1.95
N SER B 33 -1.34 -1.73 -2.55
CA SER B 33 0.07 -1.48 -2.28
C SER B 33 0.63 -0.41 -3.20
N LEU B 34 1.83 0.09 -2.88
CA LEU B 34 2.49 1.06 -3.73
C LEU B 34 2.79 0.44 -5.11
N HIS B 35 2.92 -0.88 -5.17
CA HIS B 35 3.19 -1.50 -6.44
C HIS B 35 2.00 -1.62 -7.36
N ALA B 36 0.82 -1.84 -6.80
CA ALA B 36 -0.41 -1.76 -7.57
C ALA B 36 -0.63 -0.33 -8.03
N ALA B 37 -0.33 0.65 -7.16
CA ALA B 37 -0.40 2.05 -7.53
C ALA B 37 0.48 2.36 -8.72
N ASN B 38 1.70 1.82 -8.65
CA ASN B 38 2.73 1.95 -9.66
C ASN B 38 2.21 1.46 -11.04
N VAL B 39 1.69 0.24 -11.04
CA VAL B 39 1.18 -0.37 -12.22
C VAL B 39 0.01 0.42 -12.78
N LEU B 40 -0.87 0.88 -11.89
CA LEU B 40 -2.02 1.68 -12.28
C LEU B 40 -1.62 3.00 -12.98
N CYS B 41 -0.67 3.73 -12.40
CA CYS B 41 -0.22 5.01 -12.98
C CYS B 41 0.34 4.80 -14.37
N ARG B 42 1.04 3.66 -14.52
CA ARG B 42 1.72 3.28 -15.76
C ARG B 42 0.67 2.99 -16.79
N GLU B 43 -0.23 2.07 -16.46
CA GLU B 43 -1.35 1.66 -17.32
C GLU B 43 -2.09 2.89 -17.84
N LEU B 44 -2.26 3.90 -16.98
CA LEU B 44 -2.99 5.12 -17.34
C LEU B 44 -2.19 6.22 -18.05
N ASN B 45 -0.93 5.94 -18.39
CA ASN B 45 -0.06 6.88 -19.08
C ASN B 45 0.13 8.08 -18.16
N CYS B 46 0.27 7.84 -16.84
CA CYS B 46 0.35 8.92 -15.86
C CYS B 46 1.72 8.95 -15.16
N GLY B 47 2.72 8.29 -15.73
CA GLY B 47 4.04 8.28 -15.15
C GLY B 47 4.12 7.26 -14.04
N ASP B 48 4.79 7.61 -12.94
CA ASP B 48 4.96 6.71 -11.80
C ASP B 48 4.27 7.24 -10.56
N ALA B 49 3.97 6.36 -9.62
CA ALA B 49 3.15 6.74 -8.47
C ALA B 49 3.92 7.70 -7.61
N ILE B 50 3.22 8.67 -7.05
CA ILE B 50 3.84 9.51 -6.07
C ILE B 50 3.30 9.15 -4.71
N SER B 51 1.98 9.11 -4.56
CA SER B 51 1.36 8.79 -3.26
C SER B 51 0.09 8.01 -3.45
N LEU B 52 -0.18 7.16 -2.47
CA LEU B 52 -1.48 6.60 -2.21
C LEU B 52 -2.11 7.46 -1.14
N SER B 53 -3.34 7.89 -1.37
CA SER B 53 -4.06 8.72 -0.42
C SER B 53 -5.26 7.92 0.13
N VAL B 54 -5.39 7.87 1.46
CA VAL B 54 -6.47 7.22 2.23
C VAL B 54 -7.74 8.06 2.37
N GLY B 55 -8.77 7.40 2.86
CA GLY B 55 -9.88 8.06 3.55
C GLY B 55 -10.70 8.86 2.61
N ASP B 56 -10.91 8.30 1.42
CA ASP B 56 -11.68 8.96 0.38
C ASP B 56 -11.27 10.37 0.17
N HIS B 57 -9.97 10.56 0.02
CA HIS B 57 -9.37 11.85 -0.22
C HIS B 57 -10.05 12.59 -1.39
N PHE B 58 -10.47 11.88 -2.42
CA PHE B 58 -11.05 12.50 -3.63
C PHE B 58 -12.56 12.33 -3.64
N GLY B 59 -13.12 12.17 -2.45
CA GLY B 59 -14.47 11.67 -2.31
C GLY B 59 -14.56 10.14 -2.38
N LYS B 60 -15.64 9.63 -1.82
CA LYS B 60 -15.94 8.20 -1.83
C LYS B 60 -16.72 7.81 -3.08
N GLY B 61 -16.56 6.55 -3.46
CA GLY B 61 -17.32 6.00 -4.56
C GLY B 61 -18.62 5.44 -4.04
N ASN B 62 -19.31 4.75 -4.92
CA ASN B 62 -20.48 4.03 -4.51
C ASN B 62 -20.47 2.78 -5.36
N GLY B 63 -21.31 1.84 -4.98
CA GLY B 63 -21.36 0.55 -5.62
C GLY B 63 -20.38 -0.44 -5.00
N LEU B 64 -19.87 -1.31 -5.85
CA LEU B 64 -19.08 -2.43 -5.37
C LEU B 64 -17.67 -1.92 -4.95
N THR B 65 -17.11 -2.55 -3.94
CA THR B 65 -15.71 -2.41 -3.53
C THR B 65 -15.05 -3.78 -3.78
N TRP B 66 -13.91 -3.83 -4.47
CA TRP B 66 -13.22 -5.09 -4.80
C TRP B 66 -13.02 -6.00 -3.58
N ALA B 67 -13.35 -7.28 -3.75
CA ALA B 67 -13.28 -8.26 -2.71
C ALA B 67 -11.96 -9.01 -2.78
N GLU B 68 -11.19 -8.76 -3.85
CA GLU B 68 -9.85 -9.29 -4.01
C GLU B 68 -8.89 -8.15 -4.20
N LYS B 69 -7.65 -8.37 -3.78
CA LYS B 69 -6.62 -7.36 -3.95
C LYS B 69 -5.63 -7.73 -5.05
N PHE B 70 -5.17 -6.72 -5.76
CA PHE B 70 -4.14 -6.86 -6.78
C PHE B 70 -2.76 -6.84 -6.10
N GLN B 71 -2.15 -8.02 -6.01
CA GLN B 71 -0.82 -8.17 -5.41
C GLN B 71 0.27 -8.08 -6.47
N CYS B 72 0.37 -6.86 -7.03
CA CYS B 72 1.27 -6.59 -8.13
C CYS B 72 2.70 -6.69 -7.63
N GLU B 73 3.57 -7.21 -8.50
CA GLU B 73 5.03 -7.19 -8.28
C GLU B 73 5.62 -5.79 -8.44
N GLY B 74 5.07 -5.01 -9.36
CA GLY B 74 5.54 -3.62 -9.58
C GLY B 74 5.77 -3.25 -11.04
N SER B 75 6.12 -4.22 -11.88
CA SER B 75 6.53 -4.00 -13.28
C SER B 75 5.52 -4.48 -14.31
N GLU B 76 4.35 -4.92 -13.85
CA GLU B 76 3.26 -5.28 -14.73
C GLU B 76 2.85 -4.06 -15.51
N THR B 77 2.56 -4.26 -16.79
CA THR B 77 2.04 -3.21 -17.64
C THR B 77 0.55 -2.86 -17.40
N HIS B 78 -0.20 -3.80 -16.82
CA HIS B 78 -1.62 -3.67 -16.54
C HIS B 78 -1.95 -4.37 -15.21
N LEU B 79 -2.96 -3.87 -14.51
CA LEU B 79 -3.48 -4.54 -13.32
C LEU B 79 -4.01 -5.96 -13.62
N ALA B 80 -4.56 -6.10 -14.83
CA ALA B 80 -4.97 -7.37 -15.43
C ALA B 80 -3.91 -8.45 -15.28
N LEU B 81 -2.65 -8.06 -15.30
CA LEU B 81 -1.57 -9.03 -15.24
C LEU B 81 -1.10 -9.32 -13.83
N CYS B 82 -1.65 -8.61 -12.85
CA CYS B 82 -1.24 -8.81 -11.48
C CYS B 82 -2.01 -9.97 -10.90
N PRO B 83 -1.31 -10.83 -10.13
CA PRO B 83 -2.01 -11.87 -9.41
C PRO B 83 -2.91 -11.23 -8.38
N ILE B 84 -4.06 -11.85 -8.12
CA ILE B 84 -4.98 -11.37 -7.13
C ILE B 84 -5.05 -12.28 -5.92
N VAL B 85 -5.66 -11.77 -4.86
CA VAL B 85 -5.81 -12.49 -3.61
C VAL B 85 -6.96 -11.91 -2.81
N GLN B 86 -7.53 -12.72 -1.95
CA GLN B 86 -8.65 -12.25 -1.14
C GLN B 86 -8.28 -11.12 -0.16
N HIS B 87 -9.21 -10.18 -0.10
CA HIS B 87 -9.26 -9.09 0.87
C HIS B 87 -9.11 -9.71 2.26
N PRO B 88 -8.71 -8.95 3.30
CA PRO B 88 -8.81 -9.51 4.68
C PRO B 88 -10.22 -9.60 5.20
N GLU B 89 -10.40 -10.33 6.29
CA GLU B 89 -11.75 -10.58 6.80
C GLU B 89 -12.41 -9.28 7.27
N ASP B 90 -13.73 -9.28 7.22
CA ASP B 90 -14.66 -8.16 7.45
C ASP B 90 -14.89 -7.53 6.09
N THR B 91 -15.37 -6.29 6.08
CA THR B 91 -15.58 -5.58 4.84
C THR B 91 -15.25 -4.09 5.00
N CYS B 92 -14.85 -3.49 3.89
CA CYS B 92 -14.54 -2.09 3.85
C CYS B 92 -15.74 -1.28 3.49
N ILE B 93 -15.73 -0.05 3.97
CA ILE B 93 -16.75 0.89 3.65
C ILE B 93 -16.14 1.89 2.66
N HIS B 94 -16.98 2.61 1.94
CA HIS B 94 -16.49 3.48 0.89
C HIS B 94 -15.70 4.61 1.48
N SER B 95 -15.95 4.91 2.77
CA SER B 95 -15.18 5.88 3.51
C SER B 95 -13.68 5.60 3.51
N ARG B 96 -13.25 4.36 3.23
CA ARG B 96 -11.83 4.05 3.17
C ARG B 96 -11.37 3.79 1.72
N GLU B 97 -12.15 4.25 0.75
CA GLU B 97 -11.70 4.20 -0.63
C GLU B 97 -10.35 4.81 -0.92
N VAL B 98 -9.56 4.09 -1.72
CA VAL B 98 -8.19 4.54 -1.98
C VAL B 98 -8.15 5.47 -3.19
N GLY B 99 -7.16 6.36 -3.18
CA GLY B 99 -6.87 7.22 -4.31
C GLY B 99 -5.36 7.30 -4.48
N VAL B 100 -4.93 7.82 -5.64
CA VAL B 100 -3.52 7.99 -5.95
C VAL B 100 -3.26 9.34 -6.62
N VAL B 101 -2.02 9.80 -6.48
CA VAL B 101 -1.46 10.88 -7.27
C VAL B 101 -0.23 10.28 -7.99
N CYS B 102 -0.30 10.33 -9.32
CA CYS B 102 0.81 9.97 -10.22
C CYS B 102 1.43 11.28 -10.76
N SER B 103 2.53 11.24 -11.52
CA SER B 103 2.86 12.47 -12.31
C SER B 103 3.24 12.41 -13.82
N THR B 104 4.53 12.25 -14.15
CA THR B 104 5.00 11.82 -15.48
C THR B 104 6.48 11.51 -15.41
#